data_4DWI
#
_entry.id   4DWI
#
_cell.length_a   88.051
_cell.length_b   93.545
_cell.length_c   105.543
_cell.angle_alpha   90.00
_cell.angle_beta   90.00
_cell.angle_gamma   90.00
#
_symmetry.space_group_name_H-M   'P 21 21 21'
#
loop_
_entity.id
_entity.type
_entity.pdbx_description
1 polymer 'DNA polymerase'
2 polymer "DNA (5'-D(*AP*CP*TP*GP*GP*AP*TP*CP*CP*A)-3')"
3 non-polymer GLYCEROL
4 non-polymer 'SULFATE ION'
5 non-polymer 9-METHYLGUANINE
6 non-polymer 'CALCIUM ION'
7 water water
#
loop_
_entity_poly.entity_id
_entity_poly.type
_entity_poly.pdbx_seq_one_letter_code
_entity_poly.pdbx_strand_id
1 'polypeptide(L)'
;GSKMAFTLADRVTEEMLADKAALVVEVVEENYHDAPIVGIAVVNEHGRFFLRPETALADPQFVAWLGDETKKKSMFDSKR
AAVALKWKGIELCGVSFDLLLAAYLLDPAQGVDDVAAAAKMKQYEAVRPDEAVYGKGAKRAVPDEPVLAEHLVRKAAAIW
ELERPFLDELRRNEQDRLLVELEQPLSSILAEMEFAGVKVDTKRLEQMGKELAEQLGTVEQRIYELAGQEFNINSPKQLG
VILFEKLQLPVLKKTKTGYSTSADVLEKLAPYHEIVENILHYRQLGKLQSTYIEGLLKVVRPDTKKVHTIFNQALTQTGR
LSSTEPNLQNIPIRLEEGRKIRQAFVPSESDWLIFAADYSQIELRVLAHIAEDDNLMEAFRRDLDIHTKTAMDIFQVSED
EVTPNMRRQAKAVNFGIVYGISDYGLAQNLNISRKEAAEFIERYFESFPGVKRYMENIVQEAKQKGYVTTLLHRRRYLPD
ITSRNFNVRSFAERMAMNTPIQGSAADIIKKAMIDLNARLKEERLQAHLLLQVHDELILEAPKEEMERLCRLVPEVMEQA
VTLRVPLKVDYHYGSTWYDAK
;
A
2 'polydeoxyribonucleotide' (DA)(DC)(DT)(DG)(DG)(DA)(DT)(DC)(DC)(DA) B,C
#
# COMPACT_ATOMS: atom_id res chain seq x y z
N GLY A 1 -16.20 -4.74 -35.24
CA GLY A 1 -16.00 -6.15 -35.69
C GLY A 1 -17.33 -6.85 -35.61
N SER A 2 -17.63 -7.43 -34.45
CA SER A 2 -18.88 -8.17 -34.22
C SER A 2 -19.77 -7.63 -33.07
N LYS A 3 -20.98 -8.19 -32.91
CA LYS A 3 -21.91 -7.69 -31.88
C LYS A 3 -22.37 -8.83 -30.98
N MET A 4 -22.32 -8.60 -29.67
CA MET A 4 -22.82 -9.58 -28.70
C MET A 4 -24.27 -9.31 -28.35
N ALA A 5 -25.10 -10.35 -28.45
CA ALA A 5 -26.54 -10.27 -28.19
C ALA A 5 -26.81 -10.11 -26.68
N PHE A 6 -27.73 -9.22 -26.35
CA PHE A 6 -28.15 -9.04 -24.95
C PHE A 6 -29.46 -8.26 -24.94
N THR A 7 -30.21 -8.38 -23.87
CA THR A 7 -31.42 -7.61 -23.68
C THR A 7 -31.12 -6.21 -23.13
N LEU A 8 -31.42 -5.18 -23.89
CA LEU A 8 -31.38 -3.80 -23.35
C LEU A 8 -32.68 -3.56 -22.56
N ALA A 9 -32.73 -3.94 -21.29
CA ALA A 9 -33.99 -3.97 -20.54
C ALA A 9 -34.37 -2.57 -20.13
N ASP A 10 -35.65 -2.30 -19.91
CA ASP A 10 -35.96 -1.04 -19.25
C ASP A 10 -36.82 -1.19 -18.01
N ARG A 11 -36.97 -2.42 -17.58
CA ARG A 11 -37.48 -2.69 -16.27
C ARG A 11 -36.79 -3.96 -15.76
N VAL A 12 -36.69 -4.09 -14.44
CA VAL A 12 -36.06 -5.26 -13.85
C VAL A 12 -37.06 -6.40 -13.94
N THR A 13 -36.63 -7.57 -14.43
CA THR A 13 -37.47 -8.76 -14.37
C THR A 13 -36.86 -9.83 -13.49
N GLU A 14 -37.68 -10.79 -13.11
CA GLU A 14 -37.31 -11.85 -12.17
C GLU A 14 -36.13 -12.72 -12.63
N GLU A 15 -36.04 -13.01 -13.93
CA GLU A 15 -34.92 -13.82 -14.44
C GLU A 15 -33.57 -13.11 -14.33
N MET A 16 -33.59 -11.82 -14.03
CA MET A 16 -32.35 -11.08 -13.79
C MET A 16 -31.83 -11.27 -12.37
N LEU A 17 -32.58 -12.02 -11.56
CA LEU A 17 -32.31 -12.14 -10.14
C LEU A 17 -32.00 -13.56 -9.76
N ALA A 18 -31.43 -14.33 -10.69
CA ALA A 18 -30.94 -15.69 -10.41
C ALA A 18 -29.90 -15.68 -9.26
N ASP A 19 -29.68 -16.83 -8.64
CA ASP A 19 -28.78 -16.84 -7.50
C ASP A 19 -27.26 -17.01 -7.84
N LYS A 20 -26.90 -16.90 -9.13
CA LYS A 20 -25.51 -16.69 -9.56
C LYS A 20 -25.46 -15.89 -10.82
N ALA A 21 -24.61 -14.88 -10.84
CA ALA A 21 -24.51 -13.97 -11.95
C ALA A 21 -23.13 -13.35 -12.00
N ALA A 22 -22.68 -13.03 -13.21
CA ALA A 22 -21.66 -11.97 -13.36
C ALA A 22 -22.34 -10.61 -13.29
N LEU A 23 -21.74 -9.65 -12.57
CA LEU A 23 -22.34 -8.34 -12.36
C LEU A 23 -21.35 -7.20 -12.66
N VAL A 24 -21.80 -6.18 -13.39
CA VAL A 24 -20.95 -5.03 -13.61
C VAL A 24 -21.75 -3.80 -13.19
N VAL A 25 -21.25 -3.12 -12.19
CA VAL A 25 -21.85 -1.89 -11.73
C VAL A 25 -20.84 -0.80 -12.02
N GLU A 26 -20.97 -0.18 -13.17
CA GLU A 26 -19.83 0.51 -13.75
C GLU A 26 -19.67 1.93 -13.26
N VAL A 27 -18.49 2.22 -12.77
CA VAL A 27 -18.07 3.55 -12.40
C VAL A 27 -16.84 3.87 -13.24
N VAL A 28 -16.94 4.96 -13.98
CA VAL A 28 -15.92 5.38 -14.94
C VAL A 28 -14.96 6.42 -14.38
N GLU A 29 -15.45 7.28 -13.48
CA GLU A 29 -14.57 8.18 -12.73
C GLU A 29 -13.44 7.36 -12.07
N GLU A 30 -12.18 7.77 -12.20
CA GLU A 30 -11.03 7.00 -11.64
C GLU A 30 -11.22 6.93 -10.11
N ASN A 31 -11.56 8.06 -9.50
CA ASN A 31 -11.85 8.09 -8.07
C ASN A 31 -13.33 7.85 -7.86
N TYR A 32 -13.65 6.70 -7.30
CA TYR A 32 -15.04 6.25 -7.25
C TYR A 32 -15.92 6.77 -6.09
N HIS A 33 -15.36 7.57 -5.20
CA HIS A 33 -16.08 8.02 -4.03
C HIS A 33 -17.13 9.01 -4.44
N ASP A 34 -18.39 8.70 -4.10
CA ASP A 34 -19.55 9.55 -4.43
C ASP A 34 -19.67 9.82 -5.94
N ALA A 35 -19.31 8.81 -6.74
CA ALA A 35 -19.22 8.93 -8.19
C ALA A 35 -20.38 8.27 -8.88
N PRO A 36 -20.59 8.61 -10.18
CA PRO A 36 -21.80 8.11 -10.85
C PRO A 36 -21.70 6.62 -11.20
N ILE A 37 -22.80 5.91 -11.11
CA ILE A 37 -22.87 4.57 -11.70
C ILE A 37 -23.47 4.78 -13.08
N VAL A 38 -22.73 4.42 -14.13
CA VAL A 38 -23.20 4.81 -15.46
C VAL A 38 -24.02 3.72 -16.15
N GLY A 39 -23.99 2.51 -15.61
CA GLY A 39 -24.69 1.44 -16.27
C GLY A 39 -24.50 0.18 -15.48
N ILE A 40 -25.35 -0.79 -15.74
CA ILE A 40 -25.31 -2.05 -15.05
C ILE A 40 -25.48 -3.20 -16.03
N ALA A 41 -24.72 -4.29 -15.83
CA ALA A 41 -24.84 -5.46 -16.67
C ALA A 41 -24.89 -6.70 -15.83
N VAL A 42 -25.78 -7.60 -16.20
CA VAL A 42 -25.98 -8.86 -15.50
C VAL A 42 -25.93 -9.98 -16.56
N VAL A 43 -25.16 -11.04 -16.30
CA VAL A 43 -25.16 -12.19 -17.16
C VAL A 43 -25.35 -13.37 -16.22
N ASN A 44 -26.33 -14.23 -16.53
CA ASN A 44 -26.60 -15.42 -15.71
C ASN A 44 -27.04 -16.60 -16.61
N GLU A 45 -27.51 -17.70 -16.04
CA GLU A 45 -27.93 -18.82 -16.89
C GLU A 45 -29.07 -18.41 -17.88
N HIS A 46 -29.76 -17.28 -17.63
CA HIS A 46 -30.96 -16.91 -18.39
C HIS A 46 -30.71 -15.96 -19.51
N GLY A 47 -29.63 -15.22 -19.44
CA GLY A 47 -29.26 -14.40 -20.56
C GLY A 47 -28.36 -13.29 -20.13
N ARG A 48 -28.38 -12.24 -20.92
CA ARG A 48 -27.48 -11.16 -20.77
C ARG A 48 -28.31 -9.90 -20.78
N PHE A 49 -28.08 -9.02 -19.79
CA PHE A 49 -28.98 -7.92 -19.54
C PHE A 49 -28.22 -6.65 -19.26
N PHE A 50 -28.61 -5.55 -19.90
CA PHE A 50 -28.18 -4.24 -19.50
C PHE A 50 -29.34 -3.43 -18.87
N LEU A 51 -29.05 -2.73 -17.76
CA LEU A 51 -30.01 -1.86 -17.02
C LEU A 51 -29.41 -0.49 -16.83
N ARG A 52 -30.22 0.53 -17.06
CA ARG A 52 -29.86 1.90 -16.67
C ARG A 52 -29.92 1.97 -15.14
N PRO A 53 -28.93 2.64 -14.51
CA PRO A 53 -28.84 2.69 -13.06
C PRO A 53 -30.08 3.30 -12.41
N GLU A 54 -30.60 4.39 -12.97
CA GLU A 54 -31.76 5.10 -12.36
C GLU A 54 -32.98 4.19 -12.30
N THR A 55 -33.05 3.21 -13.19
CA THR A 55 -34.10 2.19 -13.12
C THR A 55 -33.76 1.13 -12.08
N ALA A 56 -32.61 0.47 -12.27
CA ALA A 56 -32.22 -0.65 -11.47
C ALA A 56 -32.12 -0.30 -9.99
N LEU A 57 -31.52 0.86 -9.69
CA LEU A 57 -31.22 1.22 -8.31
C LEU A 57 -32.41 1.83 -7.56
N ALA A 58 -33.49 2.08 -8.29
CA ALA A 58 -34.76 2.51 -7.71
C ALA A 58 -35.70 1.32 -7.55
N ASP A 59 -35.25 0.17 -8.06
CA ASP A 59 -36.11 -1.01 -8.08
C ASP A 59 -35.91 -1.80 -6.78
N PRO A 60 -37.01 -1.99 -6.01
CA PRO A 60 -36.93 -2.71 -4.72
C PRO A 60 -36.35 -4.12 -4.79
N GLN A 61 -36.75 -4.93 -5.77
CA GLN A 61 -36.27 -6.32 -5.82
C GLN A 61 -34.80 -6.39 -6.25
N PHE A 62 -34.42 -5.52 -7.17
CA PHE A 62 -33.03 -5.43 -7.59
C PHE A 62 -32.08 -5.04 -6.43
N VAL A 63 -32.45 -3.97 -5.72
CA VAL A 63 -31.73 -3.55 -4.53
C VAL A 63 -31.68 -4.68 -3.51
N ALA A 64 -32.79 -5.37 -3.33
CA ALA A 64 -32.80 -6.49 -2.36
C ALA A 64 -31.85 -7.57 -2.83
N TRP A 65 -31.83 -7.79 -4.15
CA TRP A 65 -30.96 -8.79 -4.77
C TRP A 65 -29.47 -8.40 -4.56
N LEU A 66 -29.13 -7.15 -4.85
CA LEU A 66 -27.79 -6.65 -4.52
C LEU A 66 -27.33 -6.98 -3.08
N GLY A 67 -28.21 -6.76 -2.10
CA GLY A 67 -27.83 -6.91 -0.70
C GLY A 67 -27.99 -8.33 -0.18
N ASP A 68 -28.51 -9.23 -0.99
CA ASP A 68 -28.74 -10.59 -0.47
C ASP A 68 -27.46 -11.45 -0.62
N GLU A 69 -26.85 -11.75 0.51
CA GLU A 69 -25.61 -12.53 0.58
C GLU A 69 -25.74 -13.92 -0.05
N THR A 70 -26.97 -14.40 -0.23
CA THR A 70 -27.18 -15.79 -0.74
C THR A 70 -27.25 -15.82 -2.26
N LYS A 71 -27.34 -14.64 -2.85
CA LYS A 71 -27.31 -14.44 -4.30
C LYS A 71 -25.87 -14.05 -4.70
N LYS A 72 -25.19 -15.01 -5.33
CA LYS A 72 -23.76 -14.90 -5.55
C LYS A 72 -23.43 -14.18 -6.81
N LYS A 73 -22.51 -13.23 -6.71
CA LYS A 73 -22.07 -12.43 -7.84
C LYS A 73 -20.56 -12.57 -8.15
N SER A 74 -20.27 -12.70 -9.43
CA SER A 74 -18.91 -12.66 -9.90
C SER A 74 -18.66 -11.30 -10.49
N MET A 75 -17.56 -10.68 -10.11
CA MET A 75 -17.30 -9.31 -10.50
C MET A 75 -15.82 -9.04 -10.79
N PHE A 76 -15.52 -7.82 -11.19
CA PHE A 76 -14.15 -7.36 -11.28
C PHE A 76 -14.05 -6.02 -10.55
N ASP A 77 -13.20 -5.97 -9.52
CA ASP A 77 -13.06 -4.77 -8.68
C ASP A 77 -14.38 -4.48 -7.94
N SER A 78 -14.80 -5.47 -7.17
CA SER A 78 -16.04 -5.30 -6.43
C SER A 78 -15.96 -4.14 -5.39
N LYS A 79 -14.76 -3.70 -5.00
CA LYS A 79 -14.65 -2.71 -3.98
C LYS A 79 -15.12 -1.36 -4.59
N ARG A 80 -14.73 -1.15 -5.85
CA ARG A 80 -15.11 0.07 -6.56
C ARG A 80 -16.63 0.13 -6.63
N ALA A 81 -17.29 -0.99 -6.98
CA ALA A 81 -18.73 -1.02 -7.11
C ALA A 81 -19.34 -0.90 -5.71
N ALA A 82 -18.84 -1.66 -4.73
CA ALA A 82 -19.39 -1.56 -3.36
C ALA A 82 -19.35 -0.17 -2.73
N VAL A 83 -18.25 0.55 -2.97
CA VAL A 83 -18.11 1.91 -2.44
C VAL A 83 -18.99 2.91 -3.16
N ALA A 84 -19.11 2.81 -4.47
CA ALA A 84 -19.96 3.79 -5.12
C ALA A 84 -21.39 3.56 -4.67
N LEU A 85 -21.76 2.29 -4.39
CA LEU A 85 -23.07 1.96 -3.91
C LEU A 85 -23.28 2.46 -2.45
N LYS A 86 -22.25 2.31 -1.59
CA LYS A 86 -22.32 2.79 -0.21
C LYS A 86 -22.72 4.27 -0.15
N TRP A 87 -22.11 5.05 -1.03
CA TRP A 87 -22.42 6.49 -1.13
C TRP A 87 -23.88 6.74 -1.55
N LYS A 88 -24.49 5.73 -2.19
CA LYS A 88 -25.90 5.81 -2.54
C LYS A 88 -26.82 5.11 -1.55
N GLY A 89 -26.30 4.72 -0.39
CA GLY A 89 -27.16 4.08 0.60
C GLY A 89 -27.54 2.67 0.21
N ILE A 90 -26.79 2.05 -0.70
CA ILE A 90 -27.09 0.66 -1.09
C ILE A 90 -25.98 -0.32 -0.74
N GLU A 91 -26.36 -1.48 -0.18
CA GLU A 91 -25.41 -2.46 0.35
C GLU A 91 -25.19 -3.55 -0.72
N LEU A 92 -23.93 -3.90 -1.02
CA LEU A 92 -23.68 -4.97 -1.98
C LEU A 92 -23.20 -6.19 -1.26
N CYS A 93 -23.78 -7.36 -1.52
CA CYS A 93 -23.37 -8.54 -0.79
C CYS A 93 -23.28 -9.74 -1.72
N GLY A 94 -22.72 -10.83 -1.20
CA GLY A 94 -22.67 -12.11 -1.93
C GLY A 94 -21.66 -12.16 -3.08
N VAL A 95 -20.68 -11.24 -3.10
CA VAL A 95 -19.58 -11.35 -4.07
C VAL A 95 -18.70 -12.55 -3.73
N SER A 96 -18.80 -13.63 -4.52
CA SER A 96 -18.03 -14.80 -4.23
C SER A 96 -16.83 -14.95 -5.13
N PHE A 97 -16.67 -14.07 -6.12
CA PHE A 97 -15.47 -14.10 -7.00
C PHE A 97 -15.15 -12.70 -7.52
N ASP A 98 -13.93 -12.21 -7.29
CA ASP A 98 -13.45 -10.93 -7.83
C ASP A 98 -12.26 -11.14 -8.78
N LEU A 99 -12.52 -10.89 -10.06
CA LEU A 99 -11.58 -11.23 -11.14
C LEU A 99 -10.28 -10.41 -11.03
N LEU A 100 -10.40 -9.20 -10.53
CA LEU A 100 -9.23 -8.40 -10.36
C LEU A 100 -8.31 -9.05 -9.30
N LEU A 101 -8.87 -9.41 -8.15
CA LEU A 101 -8.07 -10.05 -7.12
C LEU A 101 -7.58 -11.44 -7.50
N ALA A 102 -8.34 -12.18 -8.31
CA ALA A 102 -7.88 -13.49 -8.82
C ALA A 102 -6.68 -13.29 -9.77
N ALA A 103 -6.80 -12.35 -10.70
CA ALA A 103 -5.67 -12.04 -11.62
C ALA A 103 -4.41 -11.61 -10.84
N TYR A 104 -4.62 -10.70 -9.89
CA TYR A 104 -3.54 -10.26 -9.00
C TYR A 104 -2.73 -11.39 -8.31
N LEU A 105 -3.43 -12.32 -7.68
CA LEU A 105 -2.78 -13.45 -7.04
C LEU A 105 -2.00 -14.31 -8.05
N LEU A 106 -2.58 -14.54 -9.23
CA LEU A 106 -1.97 -15.42 -10.26
C LEU A 106 -0.75 -14.78 -10.83
N ASP A 107 -0.78 -13.46 -10.98
CA ASP A 107 0.41 -12.78 -11.42
C ASP A 107 0.35 -11.28 -11.16
N PRO A 108 0.95 -10.84 -10.04
CA PRO A 108 0.96 -9.39 -9.74
C PRO A 108 1.67 -8.57 -10.78
N ALA A 109 2.59 -9.17 -11.51
CA ALA A 109 3.36 -8.41 -12.51
C ALA A 109 2.56 -8.01 -13.76
N GLN A 110 1.45 -8.71 -14.07
CA GLN A 110 0.65 -8.42 -15.25
C GLN A 110 0.09 -7.02 -15.24
N GLY A 111 -0.09 -6.43 -14.06
CA GLY A 111 -0.72 -5.08 -13.96
C GLY A 111 -2.13 -4.96 -14.55
N VAL A 112 -2.94 -5.98 -14.37
CA VAL A 112 -4.31 -6.03 -14.84
C VAL A 112 -5.09 -4.80 -14.31
N ASP A 113 -5.56 -3.91 -15.17
CA ASP A 113 -6.40 -2.86 -14.64
C ASP A 113 -7.79 -2.73 -15.23
N ASP A 114 -8.17 -3.69 -16.08
CA ASP A 114 -9.54 -3.77 -16.62
C ASP A 114 -9.88 -5.21 -16.91
N VAL A 115 -11.14 -5.44 -17.22
CA VAL A 115 -11.59 -6.81 -17.51
C VAL A 115 -10.79 -7.34 -18.69
N ALA A 116 -10.52 -6.45 -19.67
CA ALA A 116 -9.78 -6.90 -20.85
C ALA A 116 -8.40 -7.45 -20.54
N ALA A 117 -7.64 -6.79 -19.65
CA ALA A 117 -6.28 -7.23 -19.29
C ALA A 117 -6.30 -8.58 -18.57
N ALA A 118 -7.30 -8.76 -17.72
CA ALA A 118 -7.45 -10.01 -17.02
C ALA A 118 -7.85 -11.11 -18.01
N ALA A 119 -8.78 -10.82 -18.91
CA ALA A 119 -9.26 -11.77 -19.95
C ALA A 119 -8.10 -12.24 -20.84
N LYS A 120 -7.23 -11.32 -21.23
CA LYS A 120 -6.05 -11.66 -22.01
C LYS A 120 -5.20 -12.80 -21.37
N MET A 121 -5.21 -12.92 -20.02
CA MET A 121 -4.39 -13.94 -19.37
C MET A 121 -4.84 -15.34 -19.73
N LYS A 122 -6.08 -15.50 -20.17
CA LYS A 122 -6.55 -16.83 -20.56
C LYS A 122 -6.98 -16.84 -22.02
N GLN A 123 -6.39 -15.94 -22.79
CA GLN A 123 -6.57 -15.91 -24.27
C GLN A 123 -8.02 -15.59 -24.70
N TYR A 124 -8.76 -14.90 -23.84
CA TYR A 124 -10.09 -14.49 -24.15
C TYR A 124 -9.94 -13.02 -24.54
N GLU A 125 -10.35 -12.67 -25.76
CA GLU A 125 -10.17 -11.30 -26.23
C GLU A 125 -11.45 -10.70 -26.78
N ALA A 126 -12.60 -11.32 -26.48
CA ALA A 126 -13.92 -10.83 -26.90
C ALA A 126 -14.47 -9.65 -26.04
N VAL A 127 -13.60 -8.73 -25.66
CA VAL A 127 -13.96 -7.58 -24.84
C VAL A 127 -12.91 -6.53 -25.08
N ARG A 128 -13.29 -5.25 -25.13
CA ARG A 128 -12.36 -4.15 -25.37
C ARG A 128 -11.69 -3.59 -24.08
N PRO A 129 -10.42 -3.16 -24.15
CA PRO A 129 -9.86 -2.38 -23.05
C PRO A 129 -10.72 -1.15 -22.78
N ASP A 130 -10.93 -0.84 -21.50
CA ASP A 130 -11.71 0.33 -21.10
C ASP A 130 -11.22 1.62 -21.77
N GLU A 131 -9.91 1.72 -21.99
CA GLU A 131 -9.33 2.92 -22.55
C GLU A 131 -9.76 3.13 -24.01
N ALA A 132 -9.89 2.03 -24.74
CA ALA A 132 -10.46 2.05 -26.08
C ALA A 132 -11.89 2.60 -26.13
N VAL A 133 -12.71 2.29 -25.11
CA VAL A 133 -14.11 2.68 -25.06
C VAL A 133 -14.27 4.05 -24.46
N TYR A 134 -13.53 4.36 -23.41
CA TYR A 134 -13.73 5.64 -22.71
C TYR A 134 -12.81 6.77 -23.14
N GLY A 135 -11.65 6.43 -23.73
CA GLY A 135 -10.63 7.43 -24.03
C GLY A 135 -9.61 7.67 -22.91
N LYS A 136 -8.57 8.43 -23.23
CA LYS A 136 -7.34 8.55 -22.39
C LYS A 136 -7.59 9.27 -21.04
N GLY A 137 -7.72 10.58 -21.08
CA GLY A 137 -7.91 11.35 -19.84
C GLY A 137 -8.23 12.74 -20.29
N ALA A 138 -9.17 13.40 -19.60
CA ALA A 138 -9.65 14.71 -20.04
C ALA A 138 -10.17 14.72 -21.50
N LYS A 139 -10.09 13.58 -22.19
CA LYS A 139 -10.98 13.34 -23.33
C LYS A 139 -11.91 12.17 -22.93
N ARG A 140 -11.43 11.36 -21.99
CA ARG A 140 -12.21 10.32 -21.31
C ARG A 140 -13.65 10.77 -21.16
N ALA A 141 -14.56 10.10 -21.86
CA ALA A 141 -15.98 10.42 -21.81
C ALA A 141 -16.75 9.11 -21.68
N VAL A 142 -17.94 9.17 -21.10
CA VAL A 142 -18.87 8.06 -21.22
C VAL A 142 -19.46 8.12 -22.63
N PRO A 143 -19.43 6.99 -23.39
CA PRO A 143 -20.01 7.01 -24.74
C PRO A 143 -21.50 6.87 -24.69
N ASP A 144 -22.12 6.89 -25.87
CA ASP A 144 -23.56 6.72 -26.02
C ASP A 144 -24.02 5.33 -25.62
N GLU A 145 -25.29 5.24 -25.25
CA GLU A 145 -25.87 4.00 -24.74
C GLU A 145 -25.62 2.70 -25.53
N PRO A 146 -25.70 2.72 -26.89
CA PRO A 146 -25.46 1.37 -27.44
C PRO A 146 -24.00 0.91 -27.29
N VAL A 147 -23.07 1.86 -27.33
CA VAL A 147 -21.64 1.55 -27.20
C VAL A 147 -21.37 1.11 -25.75
N LEU A 148 -21.90 1.89 -24.81
CA LEU A 148 -21.72 1.59 -23.38
C LEU A 148 -22.28 0.23 -22.99
N ALA A 149 -23.51 -0.01 -23.41
CA ALA A 149 -24.25 -1.19 -23.02
C ALA A 149 -23.56 -2.45 -23.55
N GLU A 150 -23.15 -2.45 -24.82
CA GLU A 150 -22.46 -3.64 -25.33
C GLU A 150 -21.12 -3.92 -24.59
N HIS A 151 -20.38 -2.85 -24.29
CA HIS A 151 -19.15 -2.95 -23.53
C HIS A 151 -19.35 -3.57 -22.13
N LEU A 152 -20.32 -3.06 -21.35
CA LEU A 152 -20.56 -3.62 -20.03
C LEU A 152 -21.00 -5.08 -20.14
N VAL A 153 -21.83 -5.38 -21.12
CA VAL A 153 -22.29 -6.79 -21.29
C VAL A 153 -21.12 -7.71 -21.63
N ARG A 154 -20.22 -7.22 -22.47
CA ARG A 154 -19.04 -8.01 -22.89
C ARG A 154 -18.10 -8.30 -21.69
N LYS A 155 -17.89 -7.29 -20.85
CA LYS A 155 -17.14 -7.47 -19.57
C LYS A 155 -17.78 -8.50 -18.61
N ALA A 156 -19.09 -8.39 -18.43
CA ALA A 156 -19.87 -9.30 -17.62
C ALA A 156 -19.79 -10.74 -18.19
N ALA A 157 -19.95 -10.84 -19.50
CA ALA A 157 -19.76 -12.10 -20.25
C ALA A 157 -18.40 -12.73 -19.96
N ALA A 158 -17.36 -11.91 -20.02
CA ALA A 158 -15.97 -12.35 -19.75
C ALA A 158 -15.80 -12.87 -18.32
N ILE A 159 -16.28 -12.06 -17.37
CA ILE A 159 -16.29 -12.41 -15.95
C ILE A 159 -16.98 -13.77 -15.78
N TRP A 160 -18.19 -13.94 -16.36
CA TRP A 160 -18.96 -15.21 -16.27
C TRP A 160 -18.14 -16.40 -16.76
N GLU A 161 -17.49 -16.23 -17.91
CA GLU A 161 -16.74 -17.32 -18.56
C GLU A 161 -15.37 -17.61 -17.89
N LEU A 162 -14.73 -16.58 -17.36
CA LEU A 162 -13.39 -16.75 -16.82
C LEU A 162 -13.25 -17.18 -15.38
N GLU A 163 -14.34 -17.20 -14.61
CA GLU A 163 -14.28 -17.64 -13.23
C GLU A 163 -13.66 -19.07 -13.13
N ARG A 164 -14.26 -20.01 -13.86
CA ARG A 164 -13.79 -21.40 -13.87
C ARG A 164 -12.26 -21.51 -14.11
N PRO A 165 -11.74 -20.99 -15.26
CA PRO A 165 -10.29 -21.14 -15.44
C PRO A 165 -9.45 -20.40 -14.40
N PHE A 166 -9.88 -19.22 -13.92
CA PHE A 166 -9.09 -18.52 -12.89
C PHE A 166 -9.05 -19.35 -11.57
N LEU A 167 -10.22 -19.79 -11.12
CA LEU A 167 -10.28 -20.66 -9.95
C LEU A 167 -9.48 -21.96 -10.08
N ASP A 168 -9.51 -22.60 -11.26
CA ASP A 168 -8.71 -23.81 -11.51
C ASP A 168 -7.21 -23.53 -11.34
N GLU A 169 -6.71 -22.44 -11.91
CA GLU A 169 -5.29 -22.12 -11.75
C GLU A 169 -4.96 -21.72 -10.29
N LEU A 170 -5.79 -20.88 -9.68
CA LEU A 170 -5.65 -20.63 -8.26
C LEU A 170 -5.57 -21.91 -7.46
N ARG A 171 -6.52 -22.81 -7.66
CA ARG A 171 -6.48 -24.10 -6.99
C ARG A 171 -5.15 -24.88 -7.23
N ARG A 172 -4.67 -24.93 -8.46
CA ARG A 172 -3.38 -25.58 -8.79
C ARG A 172 -2.19 -24.95 -8.03
N ASN A 173 -2.21 -23.62 -7.92
CA ASN A 173 -1.21 -22.87 -7.17
C ASN A 173 -1.36 -22.91 -5.64
N GLU A 174 -2.36 -23.66 -5.12
CA GLU A 174 -2.84 -23.57 -3.73
C GLU A 174 -3.10 -22.13 -3.24
N GLN A 175 -3.74 -21.31 -4.08
CA GLN A 175 -4.08 -19.94 -3.72
C GLN A 175 -5.59 -19.65 -3.68
N ASP A 176 -6.40 -20.69 -3.77
CA ASP A 176 -7.88 -20.54 -3.74
C ASP A 176 -8.40 -20.05 -2.38
N ARG A 177 -7.93 -20.63 -1.27
CA ARG A 177 -8.25 -20.06 0.05
C ARG A 177 -7.64 -18.64 0.19
N LEU A 178 -6.44 -18.41 -0.35
CA LEU A 178 -5.91 -17.01 -0.32
C LEU A 178 -6.92 -16.01 -0.90
N LEU A 179 -7.47 -16.35 -2.06
CA LEU A 179 -8.48 -15.44 -2.68
C LEU A 179 -9.79 -15.40 -1.84
N VAL A 180 -10.33 -16.58 -1.50
CA VAL A 180 -11.68 -16.72 -0.91
C VAL A 180 -11.76 -16.31 0.57
N GLU A 181 -10.72 -16.62 1.35
CA GLU A 181 -10.74 -16.45 2.78
C GLU A 181 -9.93 -15.24 3.15
N LEU A 182 -9.09 -14.72 2.24
CA LEU A 182 -8.26 -13.61 2.64
C LEU A 182 -8.53 -12.34 1.81
N GLU A 183 -8.21 -12.36 0.51
CA GLU A 183 -8.27 -11.14 -0.27
C GLU A 183 -9.72 -10.63 -0.45
N GLN A 184 -10.68 -11.51 -0.77
CA GLN A 184 -12.08 -11.09 -0.92
C GLN A 184 -12.70 -10.54 0.39
N PRO A 185 -12.60 -11.30 1.53
CA PRO A 185 -13.14 -10.68 2.76
C PRO A 185 -12.45 -9.33 3.07
N LEU A 186 -11.15 -9.26 2.76
CA LEU A 186 -10.42 -8.03 3.09
C LEU A 186 -10.92 -6.88 2.23
N SER A 187 -11.27 -7.18 0.99
CA SER A 187 -11.81 -6.16 0.10
C SER A 187 -13.09 -5.47 0.69
N SER A 188 -14.02 -6.25 1.26
CA SER A 188 -15.20 -5.67 1.97
C SER A 188 -14.80 -4.74 3.11
N ILE A 189 -13.77 -5.14 3.88
CA ILE A 189 -13.27 -4.31 4.98
C ILE A 189 -12.64 -2.99 4.51
N LEU A 190 -11.81 -3.07 3.49
CA LEU A 190 -11.28 -1.87 2.83
C LEU A 190 -12.36 -0.94 2.33
N ALA A 191 -13.39 -1.50 1.69
CA ALA A 191 -14.52 -0.68 1.23
C ALA A 191 -15.11 0.12 2.40
N GLU A 192 -15.35 -0.56 3.55
CA GLU A 192 -15.86 0.12 4.79
C GLU A 192 -14.92 1.21 5.27
N MET A 193 -13.62 0.93 5.21
CA MET A 193 -12.63 1.89 5.64
C MET A 193 -12.65 3.15 4.80
N GLU A 194 -12.62 2.93 3.48
CA GLU A 194 -12.56 4.01 2.52
C GLU A 194 -13.79 4.90 2.65
N PHE A 195 -14.93 4.24 2.73
CA PHE A 195 -16.19 4.91 2.92
C PHE A 195 -16.28 5.69 4.21
N ALA A 196 -15.87 5.09 5.31
CA ALA A 196 -15.88 5.75 6.62
C ALA A 196 -15.05 7.01 6.56
N GLY A 197 -13.86 6.93 5.95
CA GLY A 197 -12.95 8.08 5.94
C GLY A 197 -12.31 8.50 7.26
N VAL A 198 -11.50 9.55 7.19
CA VAL A 198 -10.82 10.10 8.36
C VAL A 198 -11.09 11.59 8.47
N LYS A 199 -11.51 12.04 9.65
CA LYS A 199 -11.92 13.43 9.85
C LYS A 199 -10.67 14.23 9.97
N VAL A 200 -10.68 15.42 9.38
CA VAL A 200 -9.50 16.25 9.31
C VAL A 200 -9.90 17.58 9.90
N ASP A 201 -9.01 18.18 10.68
CA ASP A 201 -9.21 19.46 11.29
C ASP A 201 -8.63 20.51 10.31
N THR A 202 -9.47 21.04 9.44
CA THR A 202 -9.00 21.89 8.36
C THR A 202 -8.48 23.22 8.87
N LYS A 203 -9.04 23.72 9.98
CA LYS A 203 -8.48 24.96 10.57
C LYS A 203 -7.07 24.67 11.05
N ARG A 204 -6.82 23.52 11.69
CA ARG A 204 -5.44 23.22 12.15
C ARG A 204 -4.44 23.29 10.96
N LEU A 205 -4.87 22.72 9.83
CA LEU A 205 -4.07 22.60 8.63
C LEU A 205 -3.91 23.96 7.96
N GLU A 206 -4.98 24.74 7.90
CA GLU A 206 -4.89 26.07 7.36
C GLU A 206 -3.92 26.92 8.17
N GLN A 207 -3.91 26.71 9.49
CA GLN A 207 -3.05 27.53 10.31
C GLN A 207 -1.57 27.07 10.16
N MET A 208 -1.36 25.75 10.06
CA MET A 208 0.00 25.25 9.80
C MET A 208 0.49 25.76 8.45
N GLY A 209 -0.37 25.73 7.44
CA GLY A 209 -0.09 26.27 6.12
C GLY A 209 0.31 27.75 6.11
N LYS A 210 -0.22 28.50 7.07
CA LYS A 210 0.05 29.94 7.23
C LYS A 210 1.45 30.12 7.80
N GLU A 211 1.80 29.35 8.82
CA GLU A 211 3.12 29.43 9.44
C GLU A 211 4.19 28.99 8.43
N LEU A 212 3.96 27.84 7.80
CA LEU A 212 4.77 27.40 6.66
C LEU A 212 4.99 28.47 5.60
N ALA A 213 3.94 29.15 5.13
CA ALA A 213 4.09 30.18 4.10
C ALA A 213 4.93 31.37 4.57
N GLU A 214 4.91 31.58 5.89
CA GLU A 214 5.71 32.58 6.57
C GLU A 214 7.21 32.22 6.49
N GLN A 215 7.58 31.15 7.20
CA GLN A 215 8.95 30.60 7.20
C GLN A 215 9.55 30.42 5.78
N LEU A 216 8.73 29.92 4.85
CA LEU A 216 9.12 29.66 3.47
C LEU A 216 9.47 30.96 2.72
N GLY A 217 8.69 32.00 3.00
CA GLY A 217 8.96 33.36 2.47
C GLY A 217 10.30 33.94 2.95
N THR A 218 10.58 33.77 4.24
CA THR A 218 11.86 34.14 4.86
C THR A 218 13.04 33.40 4.24
N VAL A 219 12.97 32.06 4.21
CA VAL A 219 14.07 31.22 3.70
C VAL A 219 14.33 31.50 2.20
N GLU A 220 13.24 31.72 1.46
CA GLU A 220 13.35 31.96 0.04
C GLU A 220 14.15 33.24 -0.24
N GLN A 221 13.83 34.31 0.50
CA GLN A 221 14.54 35.60 0.41
C GLN A 221 16.02 35.45 0.77
N ARG A 222 16.29 34.74 1.88
CA ARG A 222 17.64 34.49 2.33
C ARG A 222 18.39 33.85 1.17
N ILE A 223 17.84 32.76 0.63
CA ILE A 223 18.42 32.07 -0.52
C ILE A 223 18.78 33.06 -1.65
N TYR A 224 17.87 33.97 -1.97
CA TYR A 224 18.14 34.95 -3.02
C TYR A 224 19.27 35.91 -2.66
N GLU A 225 19.35 36.28 -1.38
CA GLU A 225 20.42 37.15 -0.90
C GLU A 225 21.75 36.46 -1.14
N LEU A 226 21.83 35.22 -0.65
CA LEU A 226 23.04 34.40 -0.70
C LEU A 226 23.48 34.03 -2.12
N ALA A 227 22.50 33.83 -3.02
CA ALA A 227 22.79 33.53 -4.41
C ALA A 227 23.12 34.82 -5.14
N GLY A 228 22.80 35.96 -4.50
CA GLY A 228 22.89 37.28 -5.10
C GLY A 228 21.98 37.49 -6.30
N GLN A 229 20.84 36.81 -6.33
CA GLN A 229 19.98 36.79 -7.52
C GLN A 229 18.73 35.94 -7.23
N GLU A 230 17.62 36.22 -7.92
CA GLU A 230 16.44 35.37 -7.85
C GLU A 230 16.52 34.23 -8.87
N PHE A 231 16.00 33.08 -8.48
CA PHE A 231 15.89 31.96 -9.42
C PHE A 231 14.79 31.01 -8.98
N ASN A 232 14.42 30.04 -9.81
CA ASN A 232 13.43 29.10 -9.34
C ASN A 232 14.12 28.02 -8.52
N ILE A 233 13.99 28.11 -7.21
CA ILE A 233 14.57 27.12 -6.31
C ILE A 233 14.14 25.66 -6.64
N ASN A 234 12.98 25.46 -7.28
CA ASN A 234 12.60 24.09 -7.69
C ASN A 234 13.06 23.67 -9.07
N SER A 235 13.75 24.54 -9.82
CA SER A 235 14.25 24.11 -11.11
C SER A 235 15.58 23.39 -10.98
N PRO A 236 15.70 22.19 -11.59
CA PRO A 236 16.98 21.48 -11.53
C PRO A 236 18.08 22.17 -12.33
N LYS A 237 17.76 22.66 -13.53
CA LYS A 237 18.69 23.45 -14.30
C LYS A 237 19.17 24.64 -13.46
N GLN A 238 18.23 25.44 -12.90
CA GLN A 238 18.56 26.73 -12.26
C GLN A 238 19.34 26.59 -10.96
N LEU A 239 18.88 25.70 -10.08
CA LEU A 239 19.60 25.41 -8.86
C LEU A 239 21.01 24.83 -9.12
N GLY A 240 21.12 23.94 -10.09
CA GLY A 240 22.41 23.40 -10.53
C GLY A 240 23.33 24.54 -10.98
N VAL A 241 22.80 25.45 -11.80
CA VAL A 241 23.59 26.62 -12.25
C VAL A 241 24.08 27.49 -11.06
N ILE A 242 23.22 27.69 -10.06
CA ILE A 242 23.60 28.49 -8.92
C ILE A 242 24.66 27.76 -8.09
N LEU A 243 24.41 26.50 -7.74
CA LEU A 243 25.33 25.83 -6.80
C LEU A 243 26.72 25.63 -7.39
N PHE A 244 26.73 25.03 -8.60
CA PHE A 244 27.92 24.46 -9.18
C PHE A 244 28.61 25.29 -10.21
N GLU A 245 27.96 26.33 -10.72
CA GLU A 245 28.61 27.17 -11.70
C GLU A 245 28.84 28.54 -11.08
N LYS A 246 27.79 29.26 -10.68
CA LYS A 246 28.01 30.58 -10.03
C LYS A 246 28.80 30.54 -8.67
N LEU A 247 28.55 29.52 -7.84
CA LEU A 247 29.16 29.47 -6.51
C LEU A 247 30.26 28.40 -6.46
N GLN A 248 30.40 27.64 -7.55
CA GLN A 248 31.58 26.81 -7.76
C GLN A 248 31.71 25.72 -6.74
N LEU A 249 30.57 25.27 -6.21
CA LEU A 249 30.57 24.21 -5.20
C LEU A 249 31.02 22.88 -5.84
N PRO A 250 31.73 22.04 -5.09
CA PRO A 250 32.18 20.77 -5.66
C PRO A 250 31.02 19.89 -6.22
N VAL A 251 31.26 19.22 -7.35
CA VAL A 251 30.28 18.31 -7.94
C VAL A 251 30.65 16.94 -7.42
N LEU A 252 29.95 16.47 -6.38
CA LEU A 252 30.24 15.15 -5.76
C LEU A 252 29.51 13.99 -6.40
N LYS A 253 28.51 14.29 -7.23
CA LYS A 253 27.65 13.27 -7.80
C LYS A 253 26.88 13.84 -8.96
N LYS A 254 26.76 13.06 -10.03
CA LYS A 254 25.90 13.45 -11.12
C LYS A 254 24.64 12.57 -11.22
N THR A 255 23.59 13.11 -11.84
CA THR A 255 22.40 12.32 -12.17
C THR A 255 22.72 11.96 -13.63
N LYS A 256 21.84 11.29 -14.38
CA LYS A 256 22.20 11.16 -15.81
C LYS A 256 21.91 12.38 -16.70
N THR A 257 21.06 13.33 -16.30
CA THR A 257 20.96 14.62 -17.05
C THR A 257 21.81 15.81 -16.56
N GLY A 258 22.13 15.87 -15.26
CA GLY A 258 22.87 17.00 -14.69
C GLY A 258 23.54 16.68 -13.36
N TYR A 259 23.57 17.68 -12.48
CA TYR A 259 24.18 17.50 -11.16
C TYR A 259 23.17 16.94 -10.15
N SER A 260 23.60 16.00 -9.31
CA SER A 260 22.76 15.62 -8.16
C SER A 260 22.60 16.83 -7.23
N THR A 261 21.37 17.03 -6.78
CA THR A 261 21.10 17.88 -5.62
C THR A 261 20.32 17.12 -4.52
N SER A 262 20.48 15.81 -4.41
CA SER A 262 19.79 15.15 -3.31
C SER A 262 20.30 15.67 -1.91
N ALA A 263 19.48 15.53 -0.86
CA ALA A 263 19.80 16.08 0.47
C ALA A 263 21.09 15.46 1.00
N ASP A 264 21.24 14.17 0.69
CA ASP A 264 22.43 13.38 0.78
C ASP A 264 23.71 14.22 0.40
N VAL A 265 23.76 14.63 -0.85
CA VAL A 265 24.85 15.40 -1.43
C VAL A 265 24.92 16.79 -0.78
N LEU A 266 23.77 17.45 -0.67
CA LEU A 266 23.71 18.80 -0.10
C LEU A 266 24.35 18.91 1.31
N GLU A 267 24.10 17.91 2.16
CA GLU A 267 24.72 17.92 3.50
C GLU A 267 26.26 17.97 3.49
N LYS A 268 26.87 17.22 2.57
CA LYS A 268 28.32 17.34 2.33
C LYS A 268 28.77 18.73 1.87
N LEU A 269 27.90 19.48 1.20
CA LEU A 269 28.31 20.77 0.67
C LEU A 269 28.10 21.91 1.64
N ALA A 270 27.34 21.65 2.71
CA ALA A 270 27.03 22.68 3.70
C ALA A 270 28.25 23.46 4.20
N PRO A 271 29.38 22.74 4.53
CA PRO A 271 30.54 23.50 5.01
C PRO A 271 31.01 24.66 4.09
N TYR A 272 30.74 24.56 2.77
CA TYR A 272 31.28 25.51 1.76
C TYR A 272 30.55 26.83 1.60
N HIS A 273 29.25 26.82 1.87
CA HIS A 273 28.44 28.02 1.59
C HIS A 273 27.17 27.98 2.44
N GLU A 274 26.82 29.15 2.97
CA GLU A 274 25.63 29.28 3.82
C GLU A 274 24.30 29.03 3.06
N ILE A 275 24.30 29.18 1.74
CA ILE A 275 23.14 28.84 0.92
C ILE A 275 22.65 27.40 1.07
N VAL A 276 23.55 26.48 1.34
CA VAL A 276 23.20 25.05 1.30
C VAL A 276 22.16 24.68 2.39
N GLU A 277 22.43 25.05 3.66
CA GLU A 277 21.54 24.68 4.76
C GLU A 277 20.14 25.25 4.51
N ASN A 278 20.08 26.48 4.00
CA ASN A 278 18.82 27.13 3.60
C ASN A 278 18.02 26.41 2.51
N ILE A 279 18.70 25.96 1.47
CA ILE A 279 18.05 25.11 0.46
C ILE A 279 17.50 23.82 1.07
N LEU A 280 18.26 23.20 1.96
CA LEU A 280 17.78 22.03 2.67
C LEU A 280 16.51 22.36 3.50
N HIS A 281 16.59 23.50 4.18
CA HIS A 281 15.48 23.94 5.01
C HIS A 281 14.25 24.22 4.14
N TYR A 282 14.42 25.02 3.07
CA TYR A 282 13.39 25.24 2.03
C TYR A 282 12.74 23.97 1.46
N ARG A 283 13.55 22.97 1.14
CA ARG A 283 13.03 21.73 0.61
C ARG A 283 12.16 21.04 1.67
N GLN A 284 12.60 21.06 2.93
CA GLN A 284 11.85 20.46 4.02
C GLN A 284 10.49 21.15 4.22
N LEU A 285 10.49 22.48 4.30
CA LEU A 285 9.26 23.24 4.44
C LEU A 285 8.38 23.10 3.22
N GLY A 286 9.00 23.05 2.03
CA GLY A 286 8.21 23.09 0.80
C GLY A 286 7.51 21.79 0.54
N LYS A 287 8.16 20.69 0.91
CA LYS A 287 7.52 19.39 0.88
C LYS A 287 6.25 19.45 1.79
N LEU A 288 6.40 19.97 3.01
CA LEU A 288 5.29 19.98 3.96
C LEU A 288 4.13 20.80 3.42
N GLN A 289 4.47 22.00 2.93
CA GLN A 289 3.50 22.93 2.40
C GLN A 289 2.76 22.38 1.15
N SER A 290 3.48 21.96 0.14
CA SER A 290 2.82 21.71 -1.12
C SER A 290 2.25 20.31 -1.20
N THR A 291 2.93 19.35 -0.59
CA THR A 291 2.43 17.97 -0.56
C THR A 291 1.47 17.68 0.56
N TYR A 292 1.81 18.00 1.79
CA TYR A 292 0.89 17.61 2.82
C TYR A 292 -0.23 18.64 3.10
N ILE A 293 0.12 19.88 3.42
CA ILE A 293 -0.89 20.91 3.67
C ILE A 293 -1.83 21.17 2.50
N GLU A 294 -1.30 21.69 1.38
CA GLU A 294 -2.08 22.01 0.20
C GLU A 294 -2.74 20.78 -0.39
N GLY A 295 -2.00 19.67 -0.39
CA GLY A 295 -2.49 18.42 -0.92
C GLY A 295 -3.69 17.91 -0.17
N LEU A 296 -3.53 17.72 1.14
CA LEU A 296 -4.66 17.31 1.99
C LEU A 296 -5.85 18.26 1.87
N LEU A 297 -5.61 19.58 1.94
CA LEU A 297 -6.70 20.55 1.88
C LEU A 297 -7.47 20.49 0.60
N LYS A 298 -6.83 20.01 -0.46
CA LYS A 298 -7.45 19.87 -1.75
C LYS A 298 -8.40 18.67 -1.85
N VAL A 299 -8.09 17.57 -1.18
CA VAL A 299 -8.92 16.38 -1.27
C VAL A 299 -9.94 16.19 -0.13
N VAL A 300 -9.87 17.01 0.92
CA VAL A 300 -10.87 16.99 2.00
CA VAL A 300 -10.87 16.95 1.99
C VAL A 300 -12.22 17.30 1.37
N ARG A 301 -13.22 16.47 1.62
CA ARG A 301 -14.56 16.80 1.10
C ARG A 301 -15.12 17.86 2.03
N PRO A 302 -15.50 19.05 1.51
CA PRO A 302 -16.01 20.05 2.44
C PRO A 302 -17.36 19.66 3.12
N ASP A 303 -18.10 18.70 2.56
CA ASP A 303 -19.39 18.30 3.12
C ASP A 303 -19.19 17.58 4.43
N THR A 304 -18.09 16.87 4.57
CA THR A 304 -17.95 16.07 5.79
C THR A 304 -16.69 16.30 6.54
N LYS A 305 -15.87 17.20 6.02
CA LYS A 305 -14.55 17.44 6.53
C LYS A 305 -13.72 16.14 6.67
N LYS A 306 -14.02 15.14 5.83
CA LYS A 306 -13.22 13.91 5.77
C LYS A 306 -12.39 13.77 4.48
N VAL A 307 -11.35 12.94 4.58
CA VAL A 307 -10.59 12.44 3.43
C VAL A 307 -10.89 10.93 3.29
N HIS A 308 -11.13 10.51 2.06
CA HIS A 308 -11.51 9.14 1.77
C HIS A 308 -10.47 8.56 0.82
N THR A 309 -9.44 7.95 1.35
CA THR A 309 -8.37 7.43 0.51
C THR A 309 -8.94 6.31 -0.33
N ILE A 310 -8.17 5.85 -1.30
CA ILE A 310 -8.43 4.54 -1.88
C ILE A 310 -7.21 3.62 -1.58
N PHE A 311 -7.48 2.43 -1.05
CA PHE A 311 -6.46 1.44 -0.83
C PHE A 311 -6.47 0.49 -2.03
N ASN A 312 -5.35 0.51 -2.76
CA ASN A 312 -5.22 -0.26 -3.97
C ASN A 312 -4.76 -1.61 -3.48
N GLN A 313 -5.61 -2.62 -3.65
CA GLN A 313 -5.31 -3.95 -3.16
C GLN A 313 -4.71 -4.86 -4.21
N ALA A 314 -4.67 -4.40 -5.47
CA ALA A 314 -4.16 -5.20 -6.55
C ALA A 314 -3.03 -4.50 -7.28
N LEU A 315 -2.13 -3.88 -6.55
CA LEU A 315 -1.07 -3.11 -7.23
C LEU A 315 0.38 -3.58 -6.88
N THR A 316 0.70 -3.81 -5.60
CA THR A 316 2.11 -4.03 -5.24
C THR A 316 2.54 -5.43 -5.59
N GLN A 317 3.82 -5.55 -5.85
CA GLN A 317 4.40 -6.82 -6.31
C GLN A 317 4.56 -7.84 -5.20
N THR A 318 4.47 -7.37 -3.96
CA THR A 318 4.71 -8.14 -2.74
C THR A 318 3.45 -8.46 -1.95
N GLY A 319 2.34 -7.82 -2.29
CA GLY A 319 1.09 -8.10 -1.62
C GLY A 319 0.70 -7.05 -0.61
N ARG A 320 1.55 -6.04 -0.40
CA ARG A 320 1.13 -4.91 0.36
C ARG A 320 -0.02 -4.20 -0.33
N LEU A 321 -0.75 -3.38 0.43
CA LEU A 321 -1.68 -2.38 -0.12
C LEU A 321 -0.85 -1.16 -0.50
N SER A 322 -1.43 -0.24 -1.27
CA SER A 322 -0.94 1.12 -1.36
C SER A 322 -2.14 2.00 -1.14
N SER A 323 -1.93 3.31 -1.01
CA SER A 323 -2.97 4.22 -0.67
C SER A 323 -2.83 5.47 -1.55
N THR A 324 -3.93 5.96 -2.09
CA THR A 324 -3.88 7.13 -2.99
C THR A 324 -5.05 8.09 -2.78
N GLU A 325 -4.74 9.36 -2.99
CA GLU A 325 -5.72 10.43 -3.15
C GLU A 325 -6.65 10.66 -1.92
N PRO A 326 -6.07 11.01 -0.77
CA PRO A 326 -4.64 11.16 -0.45
C PRO A 326 -3.96 9.81 -0.13
N ASN A 327 -2.65 9.76 -0.29
CA ASN A 327 -1.82 8.70 0.33
C ASN A 327 -1.76 8.96 1.84
N LEU A 328 -2.32 8.03 2.62
CA LEU A 328 -2.34 8.20 4.06
C LEU A 328 -1.39 7.19 4.67
N GLN A 329 -0.62 6.51 3.81
CA GLN A 329 0.48 5.72 4.30
C GLN A 329 1.85 6.47 4.28
N ASN A 330 1.86 7.75 3.94
CA ASN A 330 3.13 8.42 4.01
C ASN A 330 3.11 9.76 4.77
N ILE A 331 2.18 9.92 5.71
CA ILE A 331 2.14 11.14 6.57
C ILE A 331 3.39 11.25 7.44
N PRO A 332 4.05 12.43 7.44
CA PRO A 332 5.30 12.56 8.16
C PRO A 332 5.25 12.13 9.62
N ILE A 333 6.35 11.55 10.07
CA ILE A 333 6.47 11.13 11.44
C ILE A 333 7.89 11.34 12.02
N ARG A 334 8.90 11.15 11.17
CA ARG A 334 10.28 10.97 11.67
C ARG A 334 10.87 12.27 12.28
N LEU A 335 10.62 13.42 11.66
CA LEU A 335 11.01 14.73 12.19
C LEU A 335 9.78 15.48 12.72
N GLU A 336 9.97 16.18 13.83
CA GLU A 336 8.87 16.75 14.58
C GLU A 336 8.04 17.81 13.81
N GLU A 337 8.68 18.62 12.98
CA GLU A 337 7.94 19.68 12.22
C GLU A 337 6.90 19.03 11.35
N GLY A 338 7.25 17.88 10.78
CA GLY A 338 6.34 17.17 9.89
C GLY A 338 5.28 16.38 10.63
N ARG A 339 5.70 15.74 11.73
CA ARG A 339 4.85 14.94 12.60
C ARG A 339 3.61 15.72 13.05
N LYS A 340 3.78 17.03 13.23
CA LYS A 340 2.69 17.95 13.60
C LYS A 340 1.48 17.91 12.71
N ILE A 341 1.66 17.50 11.45
CA ILE A 341 0.58 17.27 10.51
C ILE A 341 -0.41 16.25 11.07
N ARG A 342 0.09 15.27 11.82
CA ARG A 342 -0.81 14.26 12.35
C ARG A 342 -1.78 14.86 13.39
N GLN A 343 -1.51 16.10 13.86
CA GLN A 343 -2.47 16.80 14.78
C GLN A 343 -3.80 17.11 14.11
N ALA A 344 -3.80 17.14 12.78
CA ALA A 344 -5.00 17.44 12.04
C ALA A 344 -5.85 16.24 11.70
N PHE A 345 -5.43 15.04 12.06
CA PHE A 345 -6.28 13.86 11.85
C PHE A 345 -6.96 13.54 13.16
N VAL A 346 -8.29 13.66 13.15
CA VAL A 346 -9.07 13.71 14.38
C VAL A 346 -10.13 12.61 14.37
N PRO A 347 -10.66 12.23 15.56
CA PRO A 347 -11.75 11.23 15.50
C PRO A 347 -13.01 11.83 14.83
N SER A 348 -13.85 10.97 14.24
CA SER A 348 -15.06 11.47 13.55
C SER A 348 -16.28 11.89 14.40
N GLU A 349 -16.25 11.67 15.70
CA GLU A 349 -17.38 12.04 16.61
C GLU A 349 -16.79 12.58 17.87
N SER A 350 -17.54 13.42 18.57
CA SER A 350 -17.06 13.93 19.84
C SER A 350 -16.93 12.80 20.86
N ASP A 351 -15.93 12.93 21.73
CA ASP A 351 -15.60 11.95 22.79
C ASP A 351 -15.13 10.61 22.25
N TRP A 352 -14.76 10.58 20.96
CA TRP A 352 -14.07 9.41 20.40
C TRP A 352 -12.57 9.70 20.42
N LEU A 353 -11.75 8.65 20.31
CA LEU A 353 -10.30 8.82 20.31
C LEU A 353 -9.70 8.00 19.18
N ILE A 354 -8.50 8.41 18.72
CA ILE A 354 -7.70 7.59 17.75
C ILE A 354 -6.90 6.55 18.53
N PHE A 355 -6.88 5.31 18.03
CA PHE A 355 -6.13 4.19 18.65
C PHE A 355 -5.24 3.53 17.56
N ALA A 356 -3.96 3.28 17.87
CA ALA A 356 -2.96 2.84 16.85
C ALA A 356 -2.23 1.66 17.43
N ALA A 357 -2.21 0.55 16.71
CA ALA A 357 -1.44 -0.56 17.13
C ALA A 357 -0.44 -0.86 16.00
N ASP A 358 0.82 -1.08 16.36
CA ASP A 358 1.83 -1.42 15.35
C ASP A 358 2.59 -2.69 15.75
N TYR A 359 2.91 -3.52 14.78
CA TYR A 359 3.87 -4.62 15.02
C TYR A 359 5.27 -4.12 15.31
N SER A 360 5.92 -4.81 16.24
CA SER A 360 7.33 -4.62 16.52
C SER A 360 8.23 -5.59 15.74
N GLN A 361 8.98 -5.02 14.80
CA GLN A 361 9.93 -5.77 13.93
C GLN A 361 9.30 -7.02 13.32
N ILE A 362 8.11 -6.92 12.72
CA ILE A 362 7.47 -8.13 12.09
C ILE A 362 8.35 -8.81 11.02
N GLU A 363 9.05 -8.02 10.22
CA GLU A 363 9.82 -8.55 9.10
C GLU A 363 10.97 -9.41 9.58
N LEU A 364 11.71 -8.89 10.55
CA LEU A 364 12.80 -9.57 11.15
C LEU A 364 12.32 -10.77 11.89
N ARG A 365 11.15 -10.70 12.53
CA ARG A 365 10.53 -11.86 13.22
C ARG A 365 10.09 -12.95 12.23
N VAL A 366 9.51 -12.51 11.10
CA VAL A 366 9.15 -13.45 10.01
C VAL A 366 10.41 -14.15 9.44
N LEU A 367 11.43 -13.35 9.21
CA LEU A 367 12.72 -13.88 8.77
C LEU A 367 13.28 -14.94 9.74
N ALA A 368 13.22 -14.66 11.05
CA ALA A 368 13.64 -15.64 12.03
C ALA A 368 12.85 -16.89 11.83
N HIS A 369 11.55 -16.75 11.63
CA HIS A 369 10.67 -17.92 11.49
C HIS A 369 10.99 -18.72 10.23
N ILE A 370 11.11 -18.02 9.10
CA ILE A 370 11.30 -18.69 7.80
C ILE A 370 12.69 -19.37 7.69
N ALA A 371 13.73 -18.69 8.17
CA ALA A 371 15.09 -19.14 8.03
C ALA A 371 15.42 -20.12 9.13
N GLU A 372 14.57 -20.16 10.18
CA GLU A 372 14.87 -20.89 11.41
C GLU A 372 16.28 -20.63 11.91
N ASP A 373 16.72 -19.38 11.94
CA ASP A 373 18.04 -19.16 12.48
C ASP A 373 18.01 -19.25 14.02
N ASP A 374 18.74 -20.20 14.59
CA ASP A 374 18.72 -20.37 16.05
C ASP A 374 19.02 -19.08 16.81
N ASN A 375 20.00 -18.27 16.40
CA ASN A 375 20.36 -17.09 17.19
CA ASN A 375 20.42 -17.03 17.11
C ASN A 375 19.40 -15.91 16.98
N LEU A 376 18.85 -15.75 15.77
CA LEU A 376 17.83 -14.74 15.53
C LEU A 376 16.54 -15.03 16.32
N MET A 377 16.16 -16.30 16.37
CA MET A 377 14.96 -16.74 17.05
C MET A 377 15.09 -16.58 18.56
N GLU A 378 16.28 -16.87 19.08
CA GLU A 378 16.58 -16.60 20.50
C GLU A 378 16.49 -15.08 20.81
N ALA A 379 17.03 -14.26 19.95
CA ALA A 379 16.97 -12.82 20.19
C ALA A 379 15.53 -12.27 20.37
N PHE A 380 14.62 -12.65 19.50
CA PHE A 380 13.20 -12.28 19.63
C PHE A 380 12.50 -13.03 20.79
N ARG A 381 12.89 -14.27 21.09
CA ARG A 381 12.34 -14.98 22.25
C ARG A 381 12.75 -14.29 23.55
N ARG A 382 13.94 -13.71 23.55
CA ARG A 382 14.39 -12.89 24.67
C ARG A 382 14.01 -11.41 24.45
N ASP A 383 13.06 -11.17 23.56
CA ASP A 383 12.59 -9.78 23.26
C ASP A 383 13.67 -8.68 23.31
N LEU A 384 14.80 -8.94 22.65
CA LEU A 384 15.94 -8.01 22.71
C LEU A 384 15.77 -6.86 21.80
N ASP A 385 16.49 -5.79 22.07
CA ASP A 385 16.59 -4.70 21.14
C ASP A 385 17.42 -5.24 19.96
N ILE A 386 16.79 -5.40 18.79
CA ILE A 386 17.42 -6.24 17.74
C ILE A 386 18.61 -5.52 17.14
N HIS A 387 18.58 -4.19 17.09
CA HIS A 387 19.70 -3.55 16.52
C HIS A 387 20.91 -3.62 17.46
N THR A 388 20.67 -3.44 18.76
CA THR A 388 21.76 -3.49 19.74
C THR A 388 22.31 -4.93 19.72
N LYS A 389 21.45 -5.95 19.64
CA LYS A 389 21.96 -7.34 19.58
C LYS A 389 22.87 -7.58 18.37
N THR A 390 22.47 -7.06 17.21
CA THR A 390 23.25 -7.22 15.96
C THR A 390 24.60 -6.48 16.04
N ALA A 391 24.61 -5.31 16.69
CA ALA A 391 25.87 -4.61 16.95
C ALA A 391 26.78 -5.45 17.84
N MET A 392 26.22 -6.04 18.90
CA MET A 392 27.02 -6.91 19.78
C MET A 392 27.64 -8.04 19.01
N ASP A 393 26.84 -8.80 18.24
CA ASP A 393 27.38 -9.88 17.44
C ASP A 393 28.35 -9.39 16.37
N ILE A 394 28.01 -8.38 15.57
CA ILE A 394 28.96 -8.06 14.50
C ILE A 394 30.25 -7.46 15.04
N PHE A 395 30.16 -6.66 16.10
CA PHE A 395 31.39 -6.05 16.64
C PHE A 395 32.00 -6.87 17.78
N GLN A 396 31.42 -8.05 18.06
CA GLN A 396 31.79 -8.81 19.25
C GLN A 396 32.13 -7.92 20.47
N VAL A 397 31.15 -7.12 20.91
CA VAL A 397 31.27 -6.43 22.17
C VAL A 397 30.11 -6.85 23.06
N SER A 398 30.18 -6.47 24.33
CA SER A 398 29.11 -6.65 25.30
C SER A 398 28.07 -5.51 25.18
N GLU A 399 26.89 -5.71 25.76
CA GLU A 399 25.86 -4.70 25.61
C GLU A 399 26.32 -3.28 25.91
N ASP A 400 26.91 -3.04 27.08
CA ASP A 400 27.24 -1.64 27.40
C ASP A 400 28.52 -1.12 26.73
N GLU A 401 29.16 -1.97 25.94
CA GLU A 401 30.19 -1.48 25.03
C GLU A 401 29.62 -1.05 23.67
N VAL A 402 28.30 -1.03 23.50
CA VAL A 402 27.74 -0.68 22.18
C VAL A 402 27.58 0.81 22.11
N THR A 403 28.30 1.46 21.22
CA THR A 403 28.14 2.91 21.06
C THR A 403 26.94 3.30 20.15
N PRO A 404 26.52 4.58 20.19
CA PRO A 404 25.42 4.94 19.31
C PRO A 404 25.77 4.74 17.85
N ASN A 405 27.03 4.93 17.45
CA ASN A 405 27.36 4.79 16.06
C ASN A 405 27.36 3.33 15.66
N MET A 406 27.80 2.46 16.57
CA MET A 406 27.75 1.02 16.40
C MET A 406 26.33 0.53 16.17
N ARG A 407 25.39 1.04 16.96
CA ARG A 407 24.01 0.58 16.84
C ARG A 407 23.46 1.06 15.51
N ARG A 408 23.84 2.29 15.10
CA ARG A 408 23.35 2.82 13.84
CA ARG A 408 23.42 2.85 13.82
C ARG A 408 23.80 1.99 12.63
N GLN A 409 25.09 1.57 12.60
CA GLN A 409 25.61 0.73 11.55
C GLN A 409 24.84 -0.59 11.55
N ALA A 410 24.65 -1.21 12.73
CA ALA A 410 23.97 -2.52 12.82
C ALA A 410 22.48 -2.45 12.41
N LYS A 411 21.85 -1.28 12.62
CA LYS A 411 20.48 -1.01 12.22
C LYS A 411 20.43 -1.09 10.70
N ALA A 412 21.35 -0.37 10.06
CA ALA A 412 21.43 -0.34 8.61
C ALA A 412 21.66 -1.76 8.06
N VAL A 413 22.42 -2.59 8.79
CA VAL A 413 22.67 -3.92 8.32
C VAL A 413 21.38 -4.73 8.40
N ASN A 414 20.66 -4.58 9.51
CA ASN A 414 19.35 -5.22 9.64
C ASN A 414 18.39 -4.82 8.51
N PHE A 415 18.29 -3.52 8.20
CA PHE A 415 17.47 -3.15 7.02
C PHE A 415 17.92 -3.83 5.70
N GLY A 416 19.24 -3.84 5.45
CA GLY A 416 19.78 -4.48 4.27
C GLY A 416 19.48 -5.96 4.22
N ILE A 417 19.55 -6.61 5.38
CA ILE A 417 19.28 -8.03 5.44
C ILE A 417 17.83 -8.27 4.96
N VAL A 418 16.87 -7.47 5.42
CA VAL A 418 15.53 -7.78 4.93
C VAL A 418 15.31 -7.37 3.48
N TYR A 419 15.96 -6.28 3.06
CA TYR A 419 15.74 -5.81 1.72
C TYR A 419 16.41 -6.74 0.65
N GLY A 420 17.35 -7.58 1.09
CA GLY A 420 18.23 -8.29 0.13
C GLY A 420 19.59 -7.59 0.12
N ILE A 421 20.51 -8.12 0.90
CA ILE A 421 21.69 -7.34 1.32
C ILE A 421 22.65 -7.11 0.15
N SER A 422 23.29 -5.95 0.07
CA SER A 422 24.19 -5.65 -1.02
C SER A 422 25.36 -4.91 -0.43
N ASP A 423 26.59 -5.37 -0.69
CA ASP A 423 27.72 -4.62 -0.16
C ASP A 423 27.72 -3.18 -0.68
N TYR A 424 27.43 -2.96 -1.96
CA TYR A 424 27.35 -1.59 -2.50
C TYR A 424 26.23 -0.79 -1.85
N GLY A 425 25.06 -1.43 -1.72
CA GLY A 425 23.87 -0.78 -1.16
C GLY A 425 24.07 -0.34 0.26
N LEU A 426 24.67 -1.22 1.05
CA LEU A 426 24.96 -0.94 2.44
C LEU A 426 26.00 0.18 2.54
N ALA A 427 27.06 0.09 1.73
CA ALA A 427 28.13 1.09 1.66
C ALA A 427 27.59 2.47 1.31
N GLN A 428 26.71 2.52 0.32
CA GLN A 428 26.06 3.78 -0.01
C GLN A 428 25.23 4.27 1.19
N ASN A 429 24.42 3.37 1.76
CA ASN A 429 23.56 3.77 2.87
C ASN A 429 24.38 4.30 4.06
N LEU A 430 25.51 3.66 4.33
CA LEU A 430 26.29 4.00 5.54
C LEU A 430 27.36 5.05 5.32
N ASN A 431 27.49 5.48 4.06
CA ASN A 431 28.62 6.23 3.60
C ASN A 431 29.98 5.66 4.04
N ILE A 432 30.20 4.37 3.74
CA ILE A 432 31.49 3.67 3.94
C ILE A 432 31.84 3.02 2.59
N SER A 433 32.87 2.16 2.54
CA SER A 433 33.30 1.55 1.26
C SER A 433 32.73 0.13 1.11
N ARG A 434 32.72 -0.42 -0.11
CA ARG A 434 32.13 -1.75 -0.28
C ARG A 434 32.89 -2.81 0.51
N LYS A 435 34.22 -2.69 0.56
CA LYS A 435 34.99 -3.66 1.29
C LYS A 435 34.62 -3.64 2.81
N GLU A 436 34.44 -2.46 3.38
CA GLU A 436 34.01 -2.39 4.79
C GLU A 436 32.59 -2.91 5.03
N ALA A 437 31.69 -2.62 4.08
CA ALA A 437 30.33 -3.19 4.06
C ALA A 437 30.36 -4.71 3.94
N ALA A 438 31.14 -5.23 3.00
CA ALA A 438 31.29 -6.68 2.83
C ALA A 438 31.69 -7.39 4.13
N GLU A 439 32.59 -6.80 4.90
CA GLU A 439 32.97 -7.41 6.17
C GLU A 439 31.87 -7.35 7.24
N PHE A 440 31.10 -6.24 7.32
CA PHE A 440 29.91 -6.22 8.22
C PHE A 440 29.03 -7.40 7.83
N ILE A 441 28.73 -7.50 6.53
CA ILE A 441 27.87 -8.54 5.99
C ILE A 441 28.38 -9.93 6.35
N GLU A 442 29.68 -10.12 6.18
CA GLU A 442 30.32 -11.36 6.48
C GLU A 442 30.19 -11.66 7.97
N ARG A 443 30.35 -10.63 8.81
CA ARG A 443 30.22 -10.78 10.27
C ARG A 443 28.76 -11.12 10.67
N TYR A 444 27.81 -10.47 9.98
CA TYR A 444 26.39 -10.82 10.13
C TYR A 444 26.11 -12.33 9.91
N PHE A 445 26.58 -12.89 8.78
CA PHE A 445 26.32 -14.30 8.48
C PHE A 445 26.99 -15.25 9.41
N GLU A 446 28.11 -14.85 10.02
CA GLU A 446 28.75 -15.75 11.01
C GLU A 446 27.91 -15.81 12.24
N SER A 447 27.27 -14.68 12.55
CA SER A 447 26.43 -14.64 13.74
C SER A 447 25.08 -15.29 13.49
N PHE A 448 24.67 -15.33 12.22
CA PHE A 448 23.31 -15.74 11.86
C PHE A 448 23.35 -16.69 10.66
N PRO A 449 23.97 -17.88 10.85
CA PRO A 449 24.20 -18.77 9.70
C PRO A 449 22.91 -19.33 9.05
N GLY A 450 21.81 -19.42 9.83
CA GLY A 450 20.51 -19.85 9.30
C GLY A 450 19.94 -18.85 8.29
N VAL A 451 20.22 -17.57 8.53
CA VAL A 451 19.81 -16.50 7.65
C VAL A 451 20.62 -16.51 6.36
N LYS A 452 21.92 -16.68 6.45
CA LYS A 452 22.72 -16.90 5.27
C LYS A 452 22.21 -18.10 4.49
N ARG A 453 21.94 -19.23 5.17
CA ARG A 453 21.36 -20.41 4.51
C ARG A 453 20.05 -20.04 3.77
N TYR A 454 19.19 -19.26 4.42
CA TYR A 454 17.94 -18.84 3.82
C TYR A 454 18.21 -18.02 2.58
N MET A 455 19.19 -17.12 2.60
CA MET A 455 19.40 -16.26 1.43
CA MET A 455 19.38 -16.28 1.42
C MET A 455 19.88 -17.10 0.22
N GLU A 456 20.78 -18.05 0.48
CA GLU A 456 21.21 -19.02 -0.53
C GLU A 456 20.07 -19.91 -1.06
N ASN A 457 19.32 -20.53 -0.14
CA ASN A 457 18.24 -21.42 -0.48
C ASN A 457 17.14 -20.78 -1.30
N ILE A 458 16.77 -19.56 -0.92
CA ILE A 458 15.65 -18.92 -1.56
C ILE A 458 15.97 -18.51 -3.00
N VAL A 459 17.22 -18.07 -3.25
CA VAL A 459 17.69 -17.78 -4.61
C VAL A 459 17.66 -19.06 -5.44
N GLN A 460 18.11 -20.20 -4.89
CA GLN A 460 18.06 -21.45 -5.66
C GLN A 460 16.61 -21.90 -5.90
N GLU A 461 15.74 -21.73 -4.91
CA GLU A 461 14.35 -22.04 -5.06
C GLU A 461 13.67 -21.17 -6.16
N ALA A 462 13.96 -19.87 -6.16
CA ALA A 462 13.41 -18.98 -7.15
C ALA A 462 13.85 -19.42 -8.53
N LYS A 463 15.12 -19.83 -8.64
CA LYS A 463 15.72 -20.24 -9.91
C LYS A 463 15.02 -21.50 -10.42
N GLN A 464 14.87 -22.49 -9.54
CA GLN A 464 14.30 -23.74 -10.00
C GLN A 464 12.79 -23.70 -10.28
N LYS A 465 12.03 -23.06 -9.39
CA LYS A 465 10.58 -22.97 -9.51
C LYS A 465 10.12 -21.87 -10.46
N GLY A 466 10.90 -20.79 -10.55
CA GLY A 466 10.53 -19.63 -11.37
C GLY A 466 9.81 -18.52 -10.58
N TYR A 467 9.56 -18.77 -9.30
CA TYR A 467 8.82 -17.84 -8.42
C TYR A 467 9.20 -18.04 -6.96
N VAL A 468 8.85 -17.06 -6.14
CA VAL A 468 8.89 -17.20 -4.68
C VAL A 468 7.49 -17.09 -4.12
N THR A 469 7.36 -17.55 -2.90
CA THR A 469 6.10 -17.66 -2.24
C THR A 469 6.17 -17.12 -0.82
N THR A 470 5.05 -16.56 -0.34
CA THR A 470 4.88 -16.11 1.03
C THR A 470 4.21 -17.20 1.90
N LEU A 471 4.17 -16.95 3.20
CA LEU A 471 3.50 -17.81 4.18
C LEU A 471 2.09 -18.28 3.80
N LEU A 472 1.24 -17.36 3.32
CA LEU A 472 -0.10 -17.74 2.88
C LEU A 472 -0.24 -17.94 1.35
N HIS A 473 0.87 -18.30 0.71
CA HIS A 473 0.94 -18.77 -0.67
C HIS A 473 0.78 -17.71 -1.76
N ARG A 474 1.04 -16.46 -1.42
CA ARG A 474 1.15 -15.43 -2.44
C ARG A 474 2.41 -15.77 -3.27
N ARG A 475 2.43 -15.36 -4.53
CA ARG A 475 3.47 -15.79 -5.47
C ARG A 475 4.04 -14.56 -6.19
N ARG A 476 5.32 -14.62 -6.53
CA ARG A 476 5.90 -13.58 -7.36
C ARG A 476 6.95 -14.26 -8.29
N TYR A 477 6.71 -14.11 -9.61
CA TYR A 477 7.55 -14.70 -10.63
C TYR A 477 8.81 -13.88 -10.75
N LEU A 478 9.94 -14.55 -10.78
CA LEU A 478 11.21 -13.85 -10.93
C LEU A 478 12.00 -14.38 -12.16
N PRO A 479 11.53 -14.07 -13.39
CA PRO A 479 12.25 -14.62 -14.55
C PRO A 479 13.68 -14.04 -14.70
N ASP A 480 13.93 -12.80 -14.24
CA ASP A 480 15.29 -12.23 -14.27
C ASP A 480 16.32 -12.91 -13.37
N ILE A 481 15.92 -13.90 -12.57
CA ILE A 481 16.83 -14.52 -11.66
C ILE A 481 17.95 -15.24 -12.43
N THR A 482 17.81 -15.39 -13.77
CA THR A 482 18.84 -16.10 -14.61
C THR A 482 19.50 -15.22 -15.65
N SER A 483 19.19 -13.93 -15.62
CA SER A 483 19.80 -12.98 -16.50
C SER A 483 21.31 -13.15 -16.43
N ARG A 484 21.96 -13.07 -17.60
CA ARG A 484 23.42 -12.96 -17.63
C ARG A 484 23.88 -11.55 -17.34
N ASN A 485 22.97 -10.58 -17.21
CA ASN A 485 23.36 -9.21 -16.79
C ASN A 485 23.46 -9.06 -15.24
N PHE A 486 24.65 -8.77 -14.73
CA PHE A 486 24.86 -8.69 -13.31
C PHE A 486 23.85 -7.83 -12.55
N ASN A 487 23.61 -6.60 -13.02
CA ASN A 487 22.69 -5.75 -12.29
C ASN A 487 21.28 -6.35 -12.23
N VAL A 488 20.81 -6.83 -13.38
CA VAL A 488 19.48 -7.40 -13.52
C VAL A 488 19.34 -8.65 -12.63
N ARG A 489 20.30 -9.55 -12.71
CA ARG A 489 20.21 -10.81 -11.93
C ARG A 489 20.25 -10.50 -10.43
N SER A 490 21.11 -9.57 -10.02
CA SER A 490 21.28 -9.22 -8.61
C SER A 490 19.98 -8.67 -8.00
N PHE A 491 19.28 -7.85 -8.78
CA PHE A 491 18.01 -7.25 -8.39
C PHE A 491 16.95 -8.35 -8.20
N ALA A 492 16.91 -9.34 -9.09
CA ALA A 492 15.97 -10.47 -8.91
C ALA A 492 16.29 -11.24 -7.66
N GLU A 493 17.56 -11.31 -7.33
CA GLU A 493 18.01 -12.13 -6.20
C GLU A 493 17.54 -11.43 -4.91
N ARG A 494 17.62 -10.11 -4.92
CA ARG A 494 17.12 -9.31 -3.79
C ARG A 494 15.62 -9.46 -3.62
N MET A 495 14.91 -9.40 -4.74
CA MET A 495 13.47 -9.63 -4.75
C MET A 495 13.16 -11.02 -4.22
N ALA A 496 14.04 -11.97 -4.52
CA ALA A 496 13.81 -13.37 -4.04
C ALA A 496 13.91 -13.45 -2.50
N MET A 497 14.83 -12.67 -1.94
CA MET A 497 15.14 -12.69 -0.54
C MET A 497 14.10 -11.90 0.21
N ASN A 498 13.76 -10.71 -0.32
CA ASN A 498 12.82 -9.79 0.32
C ASN A 498 11.34 -10.21 0.25
N THR A 499 10.92 -10.86 -0.85
CA THR A 499 9.47 -10.99 -1.08
C THR A 499 8.74 -11.93 -0.11
N PRO A 500 9.37 -13.08 0.28
CA PRO A 500 8.74 -13.92 1.32
C PRO A 500 8.68 -13.16 2.63
N ILE A 501 9.59 -12.21 2.84
CA ILE A 501 9.57 -11.49 4.12
C ILE A 501 8.51 -10.41 4.14
N GLN A 502 8.66 -9.40 3.27
CA GLN A 502 7.70 -8.33 3.08
C GLN A 502 6.26 -8.84 2.83
N GLY A 503 6.12 -9.78 1.89
CA GLY A 503 4.84 -10.40 1.53
C GLY A 503 4.23 -11.23 2.64
N SER A 504 5.02 -12.05 3.36
CA SER A 504 4.47 -12.75 4.53
C SER A 504 4.01 -11.77 5.63
N ALA A 505 4.76 -10.68 5.84
CA ALA A 505 4.28 -9.66 6.77
C ALA A 505 2.94 -9.03 6.29
N ALA A 506 2.75 -8.89 4.98
CA ALA A 506 1.49 -8.38 4.40
C ALA A 506 0.37 -9.42 4.66
N ASP A 507 0.62 -10.69 4.33
CA ASP A 507 -0.30 -11.81 4.64
C ASP A 507 -0.80 -11.71 6.08
N ILE A 508 0.13 -11.54 7.01
CA ILE A 508 -0.19 -11.50 8.46
C ILE A 508 -1.08 -10.35 8.86
N ILE A 509 -0.72 -9.12 8.46
CA ILE A 509 -1.55 -8.03 8.87
C ILE A 509 -2.94 -8.04 8.18
N LYS A 510 -3.01 -8.53 6.94
CA LYS A 510 -4.29 -8.74 6.29
C LYS A 510 -5.18 -9.71 7.06
N LYS A 511 -4.62 -10.82 7.53
CA LYS A 511 -5.40 -11.81 8.28
C LYS A 511 -5.82 -11.16 9.59
N ALA A 512 -4.94 -10.27 10.11
CA ALA A 512 -5.20 -9.65 11.38
C ALA A 512 -6.39 -8.73 11.17
N MET A 513 -6.50 -8.10 10.00
CA MET A 513 -7.61 -7.12 9.77
C MET A 513 -8.94 -7.86 9.73
N ILE A 514 -8.94 -9.02 9.09
CA ILE A 514 -10.13 -9.80 8.97
C ILE A 514 -10.54 -10.27 10.38
N ASP A 515 -9.56 -10.75 11.15
CA ASP A 515 -9.87 -11.33 12.45
C ASP A 515 -10.39 -10.17 13.31
N LEU A 516 -9.74 -9.01 13.21
CA LEU A 516 -10.11 -7.92 14.06
C LEU A 516 -11.54 -7.41 13.80
N ASN A 517 -11.90 -7.32 12.52
CA ASN A 517 -13.20 -6.89 12.12
C ASN A 517 -14.26 -7.89 12.65
N ALA A 518 -14.01 -9.19 12.52
CA ALA A 518 -14.89 -10.17 13.16
C ALA A 518 -14.98 -10.01 14.70
N ARG A 519 -13.85 -9.79 15.38
CA ARG A 519 -13.87 -9.69 16.85
C ARG A 519 -14.60 -8.42 17.35
N LEU A 520 -14.37 -7.30 16.68
CA LEU A 520 -15.06 -6.06 17.01
C LEU A 520 -16.61 -6.16 16.96
N LYS A 521 -17.14 -6.84 15.95
CA LYS A 521 -18.59 -7.13 15.83
C LYS A 521 -19.05 -8.14 16.92
N GLU A 522 -18.26 -9.19 17.12
CA GLU A 522 -18.55 -10.15 18.17
C GLU A 522 -18.67 -9.44 19.52
N GLU A 523 -17.72 -8.53 19.78
CA GLU A 523 -17.66 -7.77 21.01
C GLU A 523 -18.64 -6.62 21.07
N ARG A 524 -19.38 -6.38 20.00
CA ARG A 524 -20.37 -5.31 19.93
C ARG A 524 -19.75 -3.95 20.22
N LEU A 525 -18.52 -3.75 19.76
CA LEU A 525 -17.83 -2.48 19.96
C LEU A 525 -18.20 -1.56 18.80
N GLN A 526 -18.20 -0.27 19.03
CA GLN A 526 -18.42 0.70 17.99
C GLN A 526 -17.10 1.07 17.28
N ALA A 527 -15.97 0.61 17.82
CA ALA A 527 -14.66 0.88 17.23
C ALA A 527 -14.61 0.34 15.80
N HIS A 528 -13.96 1.11 14.94
CA HIS A 528 -13.70 0.61 13.57
C HIS A 528 -12.36 1.03 13.00
N LEU A 529 -11.90 0.23 12.04
CA LEU A 529 -10.72 0.49 11.23
C LEU A 529 -10.86 1.80 10.42
N LEU A 530 -9.81 2.61 10.50
CA LEU A 530 -9.63 3.76 9.62
C LEU A 530 -8.54 3.49 8.56
N LEU A 531 -7.37 3.00 9.01
CA LEU A 531 -6.19 2.86 8.12
C LEU A 531 -5.34 1.69 8.43
N GLN A 532 -4.65 1.24 7.41
CA GLN A 532 -3.57 0.32 7.55
C GLN A 532 -2.32 0.97 7.03
N VAL A 533 -1.20 0.84 7.75
CA VAL A 533 0.08 1.39 7.26
C VAL A 533 1.19 0.31 7.31
N HIS A 534 0.98 -0.71 6.52
CA HIS A 534 1.91 -1.84 6.32
C HIS A 534 2.10 -2.77 7.50
N ASP A 535 2.46 -2.23 8.67
CA ASP A 535 2.60 -3.06 9.84
C ASP A 535 1.89 -2.46 11.06
N GLU A 536 1.03 -1.47 10.79
CA GLU A 536 0.23 -0.88 11.84
C GLU A 536 -1.25 -0.75 11.42
N LEU A 537 -2.15 -0.72 12.40
CA LEU A 537 -3.57 -0.40 12.18
C LEU A 537 -4.03 0.83 13.00
N ILE A 538 -4.82 1.70 12.36
CA ILE A 538 -5.33 2.89 13.04
C ILE A 538 -6.84 2.77 13.07
N LEU A 539 -7.39 2.91 14.28
CA LEU A 539 -8.83 2.81 14.51
C LEU A 539 -9.31 4.06 15.20
N GLU A 540 -10.63 4.22 15.24
CA GLU A 540 -11.23 5.27 16.12
C GLU A 540 -12.34 4.62 16.94
N ALA A 541 -12.55 5.10 18.15
CA ALA A 541 -13.58 4.50 18.95
C ALA A 541 -14.03 5.41 20.08
N PRO A 542 -15.23 5.10 20.67
CA PRO A 542 -15.61 5.89 21.88
C PRO A 542 -14.48 5.85 22.91
N LYS A 543 -14.24 6.96 23.63
CA LYS A 543 -13.28 6.91 24.74
C LYS A 543 -13.50 5.78 25.70
N GLU A 544 -14.76 5.34 25.88
CA GLU A 544 -15.17 4.30 26.82
C GLU A 544 -14.72 2.96 26.33
N GLU A 545 -14.29 2.88 25.07
CA GLU A 545 -13.78 1.58 24.58
C GLU A 545 -12.24 1.47 24.62
N MET A 546 -11.54 2.57 24.97
CA MET A 546 -10.09 2.52 24.98
C MET A 546 -9.52 1.33 25.77
N GLU A 547 -10.02 1.08 26.98
CA GLU A 547 -9.46 0.01 27.80
C GLU A 547 -9.65 -1.39 27.21
N ARG A 548 -10.84 -1.68 26.69
CA ARG A 548 -11.02 -2.99 26.04
C ARG A 548 -10.13 -3.15 24.80
N LEU A 549 -9.94 -2.06 24.04
CA LEU A 549 -9.09 -2.10 22.85
C LEU A 549 -7.63 -2.33 23.12
N CYS A 550 -7.11 -1.78 24.25
CA CYS A 550 -5.73 -2.02 24.68
C CYS A 550 -5.45 -3.49 24.83
N ARG A 551 -6.46 -4.28 25.13
CA ARG A 551 -6.20 -5.70 25.29
C ARG A 551 -6.57 -6.45 24.03
N LEU A 552 -7.70 -6.10 23.43
CA LEU A 552 -8.25 -6.80 22.28
C LEU A 552 -7.40 -6.72 20.98
N VAL A 553 -7.00 -5.51 20.62
CA VAL A 553 -6.34 -5.29 19.35
C VAL A 553 -4.96 -6.00 19.31
N PRO A 554 -4.08 -5.81 20.33
CA PRO A 554 -2.79 -6.53 20.34
C PRO A 554 -2.94 -8.04 20.33
N GLU A 555 -3.89 -8.53 21.12
CA GLU A 555 -4.19 -9.96 21.16
C GLU A 555 -4.48 -10.51 19.75
N VAL A 556 -5.45 -9.89 19.07
CA VAL A 556 -5.83 -10.31 17.72
C VAL A 556 -4.64 -10.23 16.75
N MET A 557 -3.96 -9.08 16.73
CA MET A 557 -2.83 -8.93 15.82
C MET A 557 -1.74 -9.97 16.12
N GLU A 558 -1.44 -10.14 17.39
CA GLU A 558 -0.43 -11.13 17.80
C GLU A 558 -0.81 -12.52 17.44
N GLN A 559 -2.09 -12.85 17.44
CA GLN A 559 -2.45 -14.25 17.21
C GLN A 559 -2.91 -14.55 15.82
N ALA A 560 -2.90 -13.57 14.93
CA ALA A 560 -3.32 -13.78 13.54
C ALA A 560 -2.72 -15.13 12.96
N VAL A 561 -1.43 -15.37 13.18
CA VAL A 561 -0.71 -16.60 12.82
C VAL A 561 0.20 -16.94 13.98
N THR A 562 0.63 -18.20 14.05
CA THR A 562 1.57 -18.66 15.04
C THR A 562 2.87 -18.95 14.36
N LEU A 563 3.95 -18.31 14.77
CA LEU A 563 5.26 -18.47 14.12
C LEU A 563 6.13 -19.22 15.11
N ARG A 564 7.36 -19.59 14.70
CA ARG A 564 8.38 -20.11 15.64
C ARG A 564 8.83 -19.11 16.70
N VAL A 565 8.60 -17.82 16.44
CA VAL A 565 8.80 -16.78 17.43
C VAL A 565 7.50 -16.02 17.74
N PRO A 566 7.39 -15.33 18.89
CA PRO A 566 6.18 -14.56 19.19
C PRO A 566 6.14 -13.33 18.29
N LEU A 567 4.97 -12.73 18.10
CA LEU A 567 4.82 -11.38 17.51
C LEU A 567 4.46 -10.43 18.63
N LYS A 568 4.85 -9.17 18.48
CA LYS A 568 4.68 -8.23 19.56
C LYS A 568 4.07 -6.98 18.99
N VAL A 569 3.03 -6.50 19.65
CA VAL A 569 2.26 -5.37 19.19
C VAL A 569 2.24 -4.34 20.29
N ASP A 570 2.58 -3.12 19.94
CA ASP A 570 2.47 -2.00 20.88
C ASP A 570 1.27 -1.17 20.45
N TYR A 571 0.74 -0.35 21.36
CA TYR A 571 -0.50 0.41 21.10
C TYR A 571 -0.40 1.74 21.80
N HIS A 572 -1.12 2.73 21.28
CA HIS A 572 -1.19 4.08 21.84
C HIS A 572 -2.51 4.65 21.41
N TYR A 573 -3.06 5.58 22.21
CA TYR A 573 -4.25 6.28 21.76
C TYR A 573 -4.22 7.72 22.20
N GLY A 574 -5.03 8.59 21.59
CA GLY A 574 -5.02 9.98 22.04
C GLY A 574 -6.08 10.77 21.28
N SER A 575 -6.20 12.07 21.53
CA SER A 575 -7.29 12.75 20.88
C SER A 575 -7.04 13.13 19.41
N THR A 576 -5.80 12.98 18.94
CA THR A 576 -5.52 13.08 17.52
C THR A 576 -4.57 11.94 17.16
N TRP A 577 -4.38 11.73 15.86
CA TRP A 577 -3.37 10.81 15.38
C TRP A 577 -1.97 11.15 15.95
N TYR A 578 -1.63 12.44 15.97
CA TYR A 578 -0.41 12.90 16.60
C TYR A 578 -0.22 12.34 18.02
N ASP A 579 -1.30 12.27 18.81
CA ASP A 579 -1.20 11.88 20.24
C ASP A 579 -1.24 10.40 20.47
N ALA A 580 -1.60 9.62 19.46
CA ALA A 580 -1.58 8.18 19.61
C ALA A 580 -0.13 7.74 19.34
N LYS A 581 0.74 8.08 20.30
CA LYS A 581 2.18 7.79 20.24
C LYS A 581 2.66 7.53 21.66
#